data_8QLS
#
_entry.id   8QLS
#
_cell.length_a   99.109
_cell.length_b   58.762
_cell.length_c   61.495
_cell.angle_alpha   90.000
_cell.angle_beta   93.060
_cell.angle_gamma   90.000
#
_symmetry.space_group_name_H-M   'C 1 2 1'
#
loop_
_entity.id
_entity.type
_entity.pdbx_description
1 polymer 'Serine/threonine-protein kinase 24'
2 non-polymer 8-(4-azanylbutyl)-6-[2-chloranyl-4-(6-methylpyridin-2-yl)phenyl]-2-(3-morpholin-4-ylpropylamino)pyrido[2,3-d]pyrimidin-7-one
3 non-polymer 1,2-ETHANEDIOL
4 water water
#
_entity_poly.entity_id   1
_entity_poly.type   'polypeptide(L)'
_entity_poly.pdbx_seq_one_letter_code
;MRAQLWGLALNKRRATLPHPGGSTNLKADPEELFTKLEKIGKGSFGEVFKGIDNRTQKVVAIKIIDLEEAEDEIEDIQQE
ITVLSQCDSPYVTKYYGSYLKDTKLWIIMEYLGGGSALDLLEPGPLDETQIATILREILKGLDYLHSEKKIHRDIKAANV
LLSEHGEVKLADFGVAGQLTDTQIKRNTFVGTPFWMAPEVIKQSAYDSKADIWSLGITAIELARGEPPHSELHPMKVLFL
IPKNNPPTLEGNYSKPLKEFVEACLNKEPSFRPTAKELLKHKFILRNAKKTSYLTELIDAHHHHHH
;
_entity_poly.pdbx_strand_id   A
#
# COMPACT_ATOMS: atom_id res chain seq x y z
N THR A 24 21.32 -8.37 -6.23
CA THR A 24 21.30 -9.07 -4.95
C THR A 24 22.71 -9.55 -4.59
N ASN A 25 23.02 -9.51 -3.29
CA ASN A 25 24.36 -9.83 -2.82
C ASN A 25 24.48 -11.34 -2.62
N LEU A 26 25.48 -11.95 -3.27
CA LEU A 26 25.62 -13.40 -3.25
C LEU A 26 26.75 -13.91 -2.36
N LYS A 27 27.61 -13.04 -1.85
CA LYS A 27 28.70 -13.45 -0.96
C LYS A 27 28.34 -13.29 0.51
N ALA A 28 27.85 -12.12 0.90
CA ALA A 28 27.55 -11.83 2.28
C ALA A 28 26.47 -12.77 2.81
N ASP A 29 26.60 -13.16 4.07
CA ASP A 29 25.66 -14.07 4.69
C ASP A 29 24.62 -13.26 5.43
N PRO A 30 23.38 -13.19 4.95
CA PRO A 30 22.38 -12.36 5.65
C PRO A 30 22.15 -12.78 7.08
N GLU A 31 22.45 -14.03 7.44
CA GLU A 31 22.27 -14.47 8.81
C GLU A 31 23.34 -13.90 9.74
N GLU A 32 24.50 -13.49 9.21
CA GLU A 32 25.44 -12.73 10.03
C GLU A 32 25.09 -11.25 10.08
N LEU A 33 24.53 -10.70 8.99
CA LEU A 33 24.24 -9.28 8.92
C LEU A 33 22.98 -8.88 9.70
N PHE A 34 22.01 -9.78 9.83
CA PHE A 34 20.72 -9.44 10.40
C PHE A 34 20.32 -10.47 11.45
N THR A 35 19.69 -9.99 12.52
CA THR A 35 19.01 -10.85 13.47
C THR A 35 17.54 -10.95 13.09
N LYS A 36 17.06 -12.15 12.85
CA LYS A 36 15.67 -12.39 12.49
C LYS A 36 14.84 -12.56 13.74
N LEU A 37 13.77 -11.77 13.85
CA LEU A 37 12.90 -11.78 15.01
C LEU A 37 11.51 -12.28 14.63
N GLU A 38 10.46 -11.75 15.26
CA GLU A 38 9.14 -12.33 15.09
C GLU A 38 8.55 -12.03 13.72
N LYS A 39 7.66 -12.93 13.27
CA LYS A 39 6.90 -12.67 12.05
C LYS A 39 6.02 -11.44 12.25
N ILE A 40 5.98 -10.58 11.23
CA ILE A 40 5.17 -9.37 11.28
C ILE A 40 4.22 -9.28 10.10
N GLY A 41 4.17 -10.29 9.25
CA GLY A 41 3.24 -10.25 8.15
C GLY A 41 3.32 -11.48 7.27
N LYS A 42 2.20 -11.81 6.65
CA LYS A 42 2.18 -12.69 5.50
C LYS A 42 2.37 -11.81 4.28
N GLY A 43 3.50 -11.95 3.61
CA GLY A 43 3.77 -11.19 2.41
C GLY A 43 3.43 -11.97 1.16
N SER A 44 3.51 -11.27 0.04
CA SER A 44 3.54 -11.95 -1.24
C SER A 44 4.81 -12.78 -1.35
N PHE A 45 4.67 -14.02 -1.83
CA PHE A 45 5.75 -15.00 -2.05
C PHE A 45 6.56 -15.42 -0.83
N GLY A 46 6.30 -14.90 0.36
CA GLY A 46 7.06 -15.37 1.51
C GLY A 46 6.62 -14.66 2.77
N GLU A 47 7.14 -15.16 3.90
CA GLU A 47 6.84 -14.54 5.18
C GLU A 47 7.78 -13.38 5.46
N VAL A 48 7.30 -12.45 6.28
CA VAL A 48 8.02 -11.23 6.58
C VAL A 48 8.25 -11.19 8.08
N PHE A 49 9.47 -10.83 8.47
CA PHE A 49 9.91 -10.83 9.86
C PHE A 49 10.41 -9.45 10.23
N LYS A 50 10.19 -9.09 11.48
CA LYS A 50 10.96 -8.02 12.09
C LYS A 50 12.39 -8.52 12.21
N GLY A 51 13.36 -7.64 11.91
CA GLY A 51 14.76 -8.00 12.02
C GLY A 51 15.58 -6.84 12.55
N ILE A 52 16.83 -7.14 12.93
CA ILE A 52 17.76 -6.12 13.38
C ILE A 52 18.96 -6.11 12.45
N ASP A 53 19.33 -4.92 11.97
CA ASP A 53 20.60 -4.76 11.26
C ASP A 53 21.69 -4.79 12.32
N ASN A 54 22.52 -5.84 12.32
CA ASN A 54 23.45 -6.00 13.43
C ASN A 54 24.50 -4.89 13.47
N ARG A 55 24.83 -4.27 12.34
CA ARG A 55 25.84 -3.20 12.34
C ARG A 55 25.31 -1.88 12.89
N THR A 56 24.05 -1.52 12.58
CA THR A 56 23.50 -0.26 13.05
C THR A 56 22.54 -0.40 14.22
N GLN A 57 22.03 -1.62 14.45
CA GLN A 57 20.98 -1.94 15.42
C GLN A 57 19.64 -1.36 15.03
N LYS A 58 19.50 -0.82 13.82
CA LYS A 58 18.21 -0.40 13.33
C LYS A 58 17.32 -1.62 13.07
N VAL A 59 16.04 -1.42 13.30
CA VAL A 59 15.04 -2.44 12.98
C VAL A 59 14.76 -2.38 11.48
N VAL A 60 14.65 -3.55 10.86
CA VAL A 60 14.31 -3.70 9.45
C VAL A 60 13.17 -4.69 9.30
N ALA A 61 12.56 -4.68 8.12
CA ALA A 61 11.61 -5.73 7.73
C ALA A 61 12.29 -6.68 6.76
N ILE A 62 12.16 -7.98 7.01
CA ILE A 62 12.85 -8.99 6.23
C ILE A 62 11.84 -9.95 5.63
N LYS A 63 11.77 -10.01 4.30
CA LYS A 63 10.99 -11.01 3.59
C LYS A 63 11.93 -12.12 3.16
N ILE A 64 11.57 -13.36 3.50
CA ILE A 64 12.37 -14.52 3.12
C ILE A 64 11.53 -15.35 2.18
N ILE A 65 12.03 -15.54 0.96
CA ILE A 65 11.34 -16.31 -0.07
C ILE A 65 12.17 -17.53 -0.40
N ASP A 66 11.56 -18.71 -0.31
CA ASP A 66 12.21 -19.94 -0.75
C ASP A 66 12.08 -20.05 -2.27
N LEU A 67 13.21 -19.90 -2.97
CA LEU A 67 13.21 -19.90 -4.44
C LEU A 67 13.03 -21.29 -5.04
N GLU A 68 13.29 -22.34 -4.27
CA GLU A 68 12.92 -23.69 -4.71
C GLU A 68 11.41 -23.79 -4.86
N GLU A 69 10.67 -23.31 -3.86
CA GLU A 69 9.23 -23.47 -3.77
C GLU A 69 8.44 -22.36 -4.46
N ALA A 70 9.11 -21.31 -4.95
CA ALA A 70 8.44 -20.21 -5.64
C ALA A 70 9.20 -19.93 -6.94
N GLU A 71 9.19 -20.90 -7.86
CA GLU A 71 9.99 -20.77 -9.06
C GLU A 71 9.28 -20.02 -10.18
N ASP A 72 7.98 -20.25 -10.39
CA ASP A 72 7.27 -19.58 -11.48
C ASP A 72 7.17 -18.08 -11.29
N GLU A 73 7.35 -17.58 -10.07
CA GLU A 73 7.12 -16.18 -9.74
C GLU A 73 8.41 -15.38 -9.61
N ILE A 74 9.54 -15.98 -9.96
CA ILE A 74 10.82 -15.34 -9.67
C ILE A 74 10.95 -14.04 -10.43
N GLU A 75 10.48 -14.00 -11.68
CA GLU A 75 10.60 -12.78 -12.46
C GLU A 75 9.75 -11.66 -11.85
N ASP A 76 8.58 -11.98 -11.30
CA ASP A 76 7.78 -10.98 -10.59
C ASP A 76 8.53 -10.41 -9.39
N ILE A 77 9.23 -11.26 -8.66
CA ILE A 77 10.01 -10.80 -7.51
C ILE A 77 11.09 -9.83 -7.98
N GLN A 78 11.82 -10.23 -9.02
CA GLN A 78 12.85 -9.38 -9.60
C GLN A 78 12.30 -8.03 -10.04
N GLN A 79 11.12 -8.05 -10.67
CA GLN A 79 10.52 -6.80 -11.13
C GLN A 79 10.23 -5.85 -9.98
N GLU A 80 9.71 -6.36 -8.85
CA GLU A 80 9.43 -5.46 -7.74
C GLU A 80 10.72 -4.95 -7.11
N ILE A 81 11.75 -5.78 -7.04
CA ILE A 81 13.04 -5.30 -6.53
C ILE A 81 13.56 -4.17 -7.40
N THR A 82 13.51 -4.37 -8.72
CA THR A 82 13.97 -3.33 -9.64
C THR A 82 13.23 -2.02 -9.40
N VAL A 83 11.90 -2.09 -9.34
CA VAL A 83 11.12 -0.86 -9.20
C VAL A 83 11.44 -0.18 -7.87
N LEU A 84 11.53 -0.97 -6.79
CA LEU A 84 11.86 -0.39 -5.49
C LEU A 84 13.24 0.26 -5.49
N SER A 85 14.21 -0.39 -6.15
CA SER A 85 15.56 0.16 -6.18
C SER A 85 15.62 1.46 -6.97
N GLN A 86 14.63 1.75 -7.80
CA GLN A 86 14.60 2.99 -8.55
C GLN A 86 13.86 4.10 -7.82
N CYS A 87 13.25 3.81 -6.67
CA CYS A 87 12.45 4.79 -5.96
C CYS A 87 13.28 5.45 -4.87
N ASP A 88 13.14 6.77 -4.76
CA ASP A 88 13.77 7.51 -3.67
C ASP A 88 12.84 8.66 -3.26
N SER A 89 11.91 8.33 -2.36
CA SER A 89 10.87 9.23 -1.94
C SER A 89 10.55 8.98 -0.48
N PRO A 90 10.24 10.03 0.30
CA PRO A 90 9.72 9.82 1.65
C PRO A 90 8.43 9.01 1.68
N TYR A 91 7.74 8.87 0.55
CA TYR A 91 6.42 8.25 0.51
C TYR A 91 6.46 6.82 -0.01
N VAL A 92 7.64 6.27 -0.27
CA VAL A 92 7.77 4.88 -0.71
C VAL A 92 8.71 4.17 0.25
N THR A 93 8.27 3.02 0.78
CA THR A 93 9.07 2.27 1.73
C THR A 93 10.44 1.98 1.14
N LYS A 94 11.49 2.22 1.93
CA LYS A 94 12.85 2.13 1.40
C LYS A 94 13.27 0.66 1.26
N TYR A 95 14.06 0.40 0.22
CA TYR A 95 14.62 -0.92 -0.08
C TYR A 95 16.10 -0.88 0.23
N TYR A 96 16.57 -1.85 1.02
CA TYR A 96 17.96 -1.85 1.46
C TYR A 96 18.83 -2.88 0.77
N GLY A 97 18.26 -3.82 0.02
CA GLY A 97 19.06 -4.81 -0.66
C GLY A 97 18.49 -6.20 -0.48
N SER A 98 19.11 -7.15 -1.16
N SER A 98 19.13 -7.15 -1.16
N SER A 98 19.16 -7.15 -1.12
CA SER A 98 18.68 -8.53 -1.05
CA SER A 98 18.69 -8.54 -1.17
CA SER A 98 18.70 -8.53 -1.17
C SER A 98 19.90 -9.44 -1.07
C SER A 98 19.92 -9.43 -1.05
C SER A 98 19.90 -9.47 -1.12
N TYR A 99 19.71 -10.62 -0.49
CA TYR A 99 20.79 -11.59 -0.29
C TYR A 99 20.27 -12.98 -0.61
N LEU A 100 21.14 -13.80 -1.19
CA LEU A 100 20.78 -15.18 -1.49
C LEU A 100 21.60 -16.09 -0.59
N LYS A 101 20.93 -16.90 0.22
CA LYS A 101 21.60 -17.91 1.04
C LYS A 101 20.95 -19.27 0.86
N ASP A 102 21.75 -20.24 0.42
CA ASP A 102 21.25 -21.52 -0.07
C ASP A 102 20.08 -21.19 -1.00
N THR A 103 18.89 -21.73 -0.74
CA THR A 103 17.78 -21.52 -1.65
C THR A 103 16.92 -20.33 -1.28
N LYS A 104 17.31 -19.56 -0.28
CA LYS A 104 16.46 -18.53 0.30
C LYS A 104 16.90 -17.14 -0.14
N LEU A 105 15.95 -16.33 -0.60
CA LEU A 105 16.19 -14.94 -0.92
C LEU A 105 15.72 -14.09 0.25
N TRP A 106 16.64 -13.31 0.85
CA TRP A 106 16.29 -12.37 1.92
C TRP A 106 16.15 -10.98 1.30
N ILE A 107 15.00 -10.36 1.49
CA ILE A 107 14.79 -9.01 0.98
C ILE A 107 14.66 -8.09 2.19
N ILE A 108 15.47 -7.03 2.23
CA ILE A 108 15.54 -6.16 3.40
C ILE A 108 14.89 -4.82 3.05
N MET A 109 13.91 -4.42 3.85
N MET A 109 13.89 -4.44 3.83
CA MET A 109 13.22 -3.16 3.65
CA MET A 109 13.22 -3.15 3.66
C MET A 109 13.13 -2.39 4.95
C MET A 109 13.20 -2.36 4.96
N GLU A 110 12.85 -1.09 4.81
CA GLU A 110 12.51 -0.22 5.93
C GLU A 110 11.40 -0.82 6.80
N TYR A 111 11.63 -0.84 8.12
CA TYR A 111 10.60 -1.27 9.06
C TYR A 111 9.72 -0.09 9.42
N LEU A 112 8.41 -0.25 9.24
CA LEU A 112 7.46 0.81 9.60
C LEU A 112 6.61 0.32 10.78
N GLY A 113 6.88 0.87 11.97
CA GLY A 113 6.36 0.30 13.20
C GLY A 113 4.93 0.62 13.53
N GLY A 114 4.30 1.54 12.80
CA GLY A 114 2.89 1.81 13.03
C GLY A 114 1.97 0.76 12.46
N GLY A 115 2.46 -0.08 11.53
CA GLY A 115 1.62 -1.06 10.89
C GLY A 115 0.89 -0.49 9.69
N SER A 116 0.02 -1.31 9.11
CA SER A 116 -0.68 -0.87 7.90
C SER A 116 -1.92 -0.07 8.25
N ALA A 117 -2.38 0.73 7.28
CA ALA A 117 -3.63 1.44 7.50
C ALA A 117 -4.76 0.47 7.75
N LEU A 118 -4.72 -0.70 7.11
CA LEU A 118 -5.75 -1.70 7.35
C LEU A 118 -5.74 -2.16 8.81
N ASP A 119 -4.58 -2.37 9.39
N ASP A 119 -4.54 -2.43 9.35
CA ASP A 119 -4.65 -2.83 10.77
CA ASP A 119 -4.38 -2.74 10.78
C ASP A 119 -4.95 -1.70 11.75
C ASP A 119 -5.09 -1.70 11.63
N LEU A 120 -4.83 -0.43 11.34
CA LEU A 120 -5.25 0.69 12.17
C LEU A 120 -6.74 0.96 12.11
N LEU A 121 -7.48 0.28 11.21
CA LEU A 121 -8.94 0.28 11.23
C LEU A 121 -9.53 -0.62 12.31
N GLU A 122 -8.74 -1.51 12.92
CA GLU A 122 -9.31 -2.52 13.80
C GLU A 122 -10.00 -1.97 15.05
N PRO A 123 -9.48 -0.98 15.77
CA PRO A 123 -10.16 -0.55 17.00
C PRO A 123 -11.49 0.13 16.77
N GLY A 124 -11.73 0.69 15.58
CA GLY A 124 -12.92 1.47 15.35
C GLY A 124 -12.74 2.40 14.18
N PRO A 125 -13.80 3.13 13.84
CA PRO A 125 -13.76 3.94 12.62
C PRO A 125 -12.77 5.09 12.71
N LEU A 126 -12.22 5.42 11.56
CA LEU A 126 -11.42 6.63 11.41
C LEU A 126 -12.34 7.85 11.35
N ASP A 127 -11.83 8.97 11.80
CA ASP A 127 -12.50 10.24 11.54
C ASP A 127 -11.99 10.85 10.23
N GLU A 128 -12.71 11.86 9.74
CA GLU A 128 -12.42 12.38 8.41
C GLU A 128 -11.08 13.11 8.35
N THR A 129 -10.59 13.63 9.49
CA THR A 129 -9.24 14.17 9.49
C THR A 129 -8.21 13.07 9.27
N GLN A 130 -8.41 11.91 9.91
CA GLN A 130 -7.49 10.79 9.71
C GLN A 130 -7.56 10.25 8.29
N ILE A 131 -8.77 10.11 7.75
CA ILE A 131 -8.94 9.67 6.38
C ILE A 131 -8.25 10.62 5.42
N ALA A 132 -8.51 11.93 5.60
CA ALA A 132 -7.95 12.93 4.69
C ALA A 132 -6.43 12.96 4.78
N THR A 133 -5.89 12.81 6.00
CA THR A 133 -4.44 12.84 6.15
C THR A 133 -3.80 11.64 5.46
N ILE A 134 -4.37 10.46 5.68
CA ILE A 134 -3.81 9.25 5.06
C ILE A 134 -3.91 9.35 3.53
N LEU A 135 -5.08 9.75 3.02
CA LEU A 135 -5.23 9.91 1.56
C LEU A 135 -4.27 10.94 0.99
N ARG A 136 -4.07 12.06 1.70
CA ARG A 136 -3.12 13.06 1.22
C ARG A 136 -1.74 12.45 1.04
N GLU A 137 -1.29 11.70 2.03
CA GLU A 137 0.06 11.13 1.96
C GLU A 137 0.15 10.08 0.87
N ILE A 138 -0.90 9.26 0.70
CA ILE A 138 -0.92 8.32 -0.41
C ILE A 138 -0.81 9.07 -1.72
N LEU A 139 -1.54 10.19 -1.83
CA LEU A 139 -1.49 11.00 -3.05
C LEU A 139 -0.09 11.52 -3.31
N LYS A 140 0.64 11.89 -2.25
CA LYS A 140 2.00 12.36 -2.45
C LYS A 140 2.87 11.25 -3.01
N GLY A 141 2.66 10.02 -2.53
CA GLY A 141 3.37 8.88 -3.09
C GLY A 141 2.99 8.60 -4.53
N LEU A 142 1.70 8.69 -4.85
CA LEU A 142 1.27 8.48 -6.24
C LEU A 142 1.79 9.58 -7.15
N ASP A 143 1.76 10.84 -6.68
CA ASP A 143 2.36 11.94 -7.44
C ASP A 143 3.81 11.65 -7.76
N TYR A 144 4.56 11.14 -6.77
CA TYR A 144 5.95 10.78 -7.03
C TYR A 144 6.04 9.67 -8.08
N LEU A 145 5.31 8.57 -7.87
CA LEU A 145 5.44 7.43 -8.79
C LEU A 145 5.02 7.81 -10.20
N HIS A 146 3.88 8.49 -10.32
CA HIS A 146 3.38 8.84 -11.64
C HIS A 146 4.32 9.81 -12.36
N SER A 147 4.95 10.73 -11.61
CA SER A 147 5.94 11.62 -12.22
C SER A 147 7.15 10.85 -12.70
N GLU A 148 7.47 9.72 -12.06
CA GLU A 148 8.56 8.84 -12.47
C GLU A 148 8.12 7.81 -13.51
N LYS A 149 6.92 7.95 -14.08
CA LYS A 149 6.38 7.03 -15.08
C LYS A 149 6.23 5.61 -14.51
N LYS A 150 5.86 5.52 -13.24
CA LYS A 150 5.59 4.24 -12.58
C LYS A 150 4.12 4.17 -12.20
N ILE A 151 3.59 2.95 -12.12
CA ILE A 151 2.24 2.70 -11.64
C ILE A 151 2.36 1.77 -10.44
N HIS A 152 1.69 2.11 -9.34
CA HIS A 152 1.80 1.27 -8.15
C HIS A 152 1.14 -0.08 -8.37
N ARG A 153 -0.12 -0.08 -8.82
CA ARG A 153 -0.91 -1.23 -9.27
C ARG A 153 -1.58 -1.99 -8.13
N ASP A 154 -1.27 -1.72 -6.86
CA ASP A 154 -1.99 -2.39 -5.77
C ASP A 154 -2.21 -1.45 -4.59
N ILE A 155 -2.80 -0.28 -4.85
CA ILE A 155 -3.18 0.64 -3.80
C ILE A 155 -4.39 0.08 -3.05
N LYS A 156 -4.21 -0.12 -1.74
CA LYS A 156 -5.22 -0.63 -0.81
C LYS A 156 -4.69 -0.39 0.59
N ALA A 157 -5.58 -0.42 1.59
CA ALA A 157 -5.15 -0.08 2.95
C ALA A 157 -4.11 -1.06 3.47
N ALA A 158 -4.14 -2.31 3.02
CA ALA A 158 -3.14 -3.28 3.48
C ALA A 158 -1.74 -2.96 3.01
N ASN A 159 -1.60 -2.14 1.95
CA ASN A 159 -0.30 -1.82 1.37
C ASN A 159 0.15 -0.39 1.68
N VAL A 160 -0.52 0.28 2.60
CA VAL A 160 -0.14 1.60 3.08
C VAL A 160 0.39 1.40 4.50
N LEU A 161 1.66 1.73 4.74
CA LEU A 161 2.33 1.45 6.00
C LEU A 161 2.65 2.76 6.72
N LEU A 162 2.55 2.77 8.04
CA LEU A 162 2.82 3.96 8.83
C LEU A 162 4.05 3.73 9.68
N SER A 163 4.91 4.75 9.77
CA SER A 163 6.00 4.65 10.73
C SER A 163 5.47 4.90 12.15
N GLU A 164 6.31 4.63 13.15
N GLU A 164 6.32 4.64 13.15
CA GLU A 164 5.91 4.92 14.52
CA GLU A 164 5.89 4.92 14.52
C GLU A 164 5.72 6.41 14.79
C GLU A 164 5.63 6.41 14.74
N HIS A 165 6.13 7.28 13.87
CA HIS A 165 5.89 8.72 13.97
C HIS A 165 4.65 9.18 13.22
N GLY A 166 3.94 8.29 12.54
CA GLY A 166 2.78 8.70 11.75
C GLY A 166 3.07 8.95 10.27
N GLU A 167 4.32 8.79 9.82
CA GLU A 167 4.61 8.93 8.40
C GLU A 167 3.92 7.83 7.62
N VAL A 168 3.44 8.16 6.42
CA VAL A 168 2.61 7.26 5.62
C VAL A 168 3.36 6.93 4.33
N LYS A 169 3.56 5.64 4.05
CA LYS A 169 4.35 5.22 2.90
C LYS A 169 3.69 4.08 2.15
N LEU A 170 4.00 3.97 0.85
CA LEU A 170 3.46 2.91 0.02
C LEU A 170 4.39 1.70 0.03
N ALA A 171 3.80 0.50 0.00
CA ALA A 171 4.57 -0.74 -0.13
C ALA A 171 3.84 -1.68 -1.08
N ASP A 172 4.48 -2.82 -1.39
CA ASP A 172 3.83 -3.94 -2.09
C ASP A 172 3.23 -3.53 -3.43
N PHE A 173 4.09 -3.11 -4.34
CA PHE A 173 3.67 -2.85 -5.70
C PHE A 173 3.01 -4.09 -6.31
N GLY A 174 1.99 -3.86 -7.15
CA GLY A 174 1.35 -4.95 -7.86
C GLY A 174 2.16 -5.45 -9.05
N VAL A 175 1.88 -6.69 -9.44
CA VAL A 175 2.62 -7.32 -10.53
C VAL A 175 2.19 -6.71 -11.86
N ALA A 176 3.15 -6.34 -12.70
CA ALA A 176 2.86 -5.64 -13.94
C ALA A 176 2.40 -6.58 -15.05
N THR A 192 -6.78 -10.77 -6.02
CA THR A 192 -8.06 -10.36 -5.43
C THR A 192 -8.49 -9.09 -6.16
N PRO A 193 -9.77 -9.02 -6.54
CA PRO A 193 -10.18 -8.01 -7.52
C PRO A 193 -10.75 -6.72 -6.94
N PHE A 194 -10.93 -6.60 -5.63
CA PHE A 194 -11.84 -5.58 -5.09
C PHE A 194 -11.36 -4.17 -5.35
N TRP A 195 -10.05 -3.97 -5.48
CA TRP A 195 -9.49 -2.63 -5.67
C TRP A 195 -9.13 -2.35 -7.13
N MET A 196 -9.38 -3.30 -8.03
CA MET A 196 -8.99 -3.22 -9.44
C MET A 196 -9.90 -2.30 -10.23
N ALA A 197 -9.29 -1.42 -11.04
CA ALA A 197 -10.08 -0.61 -11.95
C ALA A 197 -10.73 -1.48 -13.03
N PRO A 198 -11.88 -1.06 -13.56
CA PRO A 198 -12.53 -1.88 -14.61
C PRO A 198 -11.65 -2.15 -15.81
N GLU A 199 -10.87 -1.16 -16.27
CA GLU A 199 -10.03 -1.39 -17.43
C GLU A 199 -8.89 -2.37 -17.14
N VAL A 200 -8.47 -2.45 -15.89
CA VAL A 200 -7.48 -3.46 -15.53
C VAL A 200 -8.07 -4.86 -15.66
N ILE A 201 -9.31 -5.04 -15.18
CA ILE A 201 -9.96 -6.34 -15.27
C ILE A 201 -10.25 -6.70 -16.73
N LYS A 202 -10.73 -5.75 -17.52
CA LYS A 202 -11.02 -6.01 -18.92
C LYS A 202 -9.75 -6.15 -19.76
N GLN A 203 -8.58 -6.10 -19.09
CA GLN A 203 -7.27 -6.25 -19.75
C GLN A 203 -7.10 -5.26 -20.88
N SER A 204 -7.66 -4.07 -20.72
CA SER A 204 -7.37 -2.98 -21.62
C SER A 204 -6.02 -2.36 -21.26
N ALA A 205 -5.43 -1.66 -22.23
CA ALA A 205 -4.27 -0.83 -21.93
C ALA A 205 -4.64 0.15 -20.83
N TYR A 206 -3.94 0.08 -19.71
CA TYR A 206 -4.21 1.02 -18.64
C TYR A 206 -2.95 1.81 -18.33
N ASP A 207 -3.14 2.87 -17.56
CA ASP A 207 -2.06 3.78 -17.20
C ASP A 207 -2.23 4.14 -15.72
N SER A 208 -1.60 5.23 -15.31
CA SER A 208 -1.60 5.64 -13.91
C SER A 208 -2.99 5.93 -13.37
N LYS A 209 -3.98 6.19 -14.23
CA LYS A 209 -5.32 6.44 -13.73
C LYS A 209 -5.93 5.22 -13.06
N ALA A 210 -5.39 4.02 -13.33
CA ALA A 210 -5.83 2.83 -12.60
C ALA A 210 -5.54 2.96 -11.11
N ASP A 211 -4.42 3.60 -10.77
CA ASP A 211 -4.09 3.86 -9.38
C ASP A 211 -5.11 4.82 -8.74
N ILE A 212 -5.64 5.77 -9.52
CA ILE A 212 -6.61 6.73 -9.00
C ILE A 212 -7.91 6.04 -8.65
N TRP A 213 -8.35 5.09 -9.50
CA TRP A 213 -9.51 4.25 -9.16
C TRP A 213 -9.24 3.49 -7.86
N SER A 214 -8.10 2.79 -7.79
CA SER A 214 -7.78 2.05 -6.57
C SER A 214 -7.75 2.97 -5.35
N LEU A 215 -7.31 4.21 -5.54
CA LEU A 215 -7.34 5.18 -4.44
C LEU A 215 -8.77 5.45 -3.98
N GLY A 216 -9.69 5.58 -4.94
CA GLY A 216 -11.09 5.75 -4.59
C GLY A 216 -11.64 4.59 -3.79
N ILE A 217 -11.28 3.36 -4.17
CA ILE A 217 -11.72 2.19 -3.41
C ILE A 217 -11.10 2.23 -2.02
N THR A 218 -9.82 2.62 -1.95
CA THR A 218 -9.14 2.71 -0.67
C THR A 218 -9.78 3.78 0.22
N ALA A 219 -10.25 4.89 -0.37
CA ALA A 219 -10.98 5.89 0.40
C ALA A 219 -12.26 5.30 1.02
N ILE A 220 -13.01 4.52 0.23
CA ILE A 220 -14.19 3.84 0.80
C ILE A 220 -13.75 2.91 1.92
N GLU A 221 -12.67 2.16 1.70
CA GLU A 221 -12.18 1.21 2.70
C GLU A 221 -11.76 1.93 3.99
N LEU A 222 -11.08 3.07 3.86
CA LEU A 222 -10.71 3.84 5.05
C LEU A 222 -11.93 4.38 5.80
N ALA A 223 -13.01 4.69 5.08
CA ALA A 223 -14.20 5.26 5.69
C ALA A 223 -15.09 4.18 6.30
N ARG A 224 -15.23 3.04 5.60
CA ARG A 224 -16.18 2.01 5.98
C ARG A 224 -15.54 0.75 6.56
N GLY A 225 -14.25 0.58 6.39
CA GLY A 225 -13.56 -0.60 6.90
C GLY A 225 -13.30 -1.69 5.88
N GLU A 226 -14.02 -1.69 4.76
CA GLU A 226 -13.92 -2.74 3.75
C GLU A 226 -14.22 -2.12 2.40
N PRO A 227 -13.71 -2.69 1.31
CA PRO A 227 -14.03 -2.16 -0.03
C PRO A 227 -15.44 -2.53 -0.43
N PRO A 228 -15.99 -1.91 -1.48
CA PRO A 228 -17.25 -2.39 -2.04
C PRO A 228 -17.18 -3.85 -2.44
N HIS A 229 -18.31 -4.54 -2.29
CA HIS A 229 -18.48 -5.95 -2.67
C HIS A 229 -17.73 -6.91 -1.78
N SER A 230 -17.29 -6.49 -0.59
CA SER A 230 -16.41 -7.31 0.23
C SER A 230 -17.08 -8.60 0.68
N GLU A 231 -18.41 -8.65 0.67
CA GLU A 231 -19.16 -9.83 1.06
C GLU A 231 -19.28 -10.86 -0.06
N LEU A 232 -18.85 -10.53 -1.27
CA LEU A 232 -19.14 -11.35 -2.44
C LEU A 232 -17.95 -12.21 -2.84
N HIS A 233 -18.25 -13.32 -3.51
CA HIS A 233 -17.19 -14.16 -4.03
C HIS A 233 -16.37 -13.39 -5.06
N PRO A 234 -15.04 -13.54 -5.06
CA PRO A 234 -14.20 -12.76 -5.99
C PRO A 234 -14.57 -12.95 -7.46
N MET A 235 -15.02 -14.13 -7.85
CA MET A 235 -15.29 -14.30 -9.28
C MET A 235 -16.56 -13.54 -9.67
N LYS A 236 -17.48 -13.32 -8.72
CA LYS A 236 -18.61 -12.44 -9.01
C LYS A 236 -18.15 -10.99 -9.10
N VAL A 237 -17.27 -10.58 -8.19
CA VAL A 237 -16.74 -9.21 -8.24
C VAL A 237 -16.04 -8.93 -9.56
N LEU A 238 -15.38 -9.95 -10.13
CA LEU A 238 -14.69 -9.79 -11.42
C LEU A 238 -15.63 -9.36 -12.53
N PHE A 239 -16.89 -9.81 -12.52
CA PHE A 239 -17.78 -9.30 -13.57
C PHE A 239 -18.58 -8.09 -13.10
N LEU A 240 -18.76 -7.93 -11.79
CA LEU A 240 -19.52 -6.76 -11.31
C LEU A 240 -18.77 -5.46 -11.56
N ILE A 241 -17.45 -5.43 -11.36
CA ILE A 241 -16.73 -4.17 -11.51
C ILE A 241 -16.89 -3.59 -12.92
N PRO A 242 -16.65 -4.34 -14.00
CA PRO A 242 -16.93 -3.79 -15.34
C PRO A 242 -18.41 -3.58 -15.63
N LYS A 243 -19.29 -4.44 -15.09
CA LYS A 243 -20.72 -4.39 -15.44
C LYS A 243 -21.45 -3.22 -14.76
N ASN A 244 -21.17 -2.99 -13.47
CA ASN A 244 -21.96 -2.08 -12.65
C ASN A 244 -21.48 -0.64 -12.82
N ASN A 245 -22.37 0.29 -12.47
CA ASN A 245 -21.94 1.65 -12.22
C ASN A 245 -20.90 1.65 -11.10
N PRO A 246 -20.06 2.69 -11.04
CA PRO A 246 -19.02 2.69 -10.02
C PRO A 246 -19.60 2.75 -8.63
N PRO A 247 -18.90 2.22 -7.64
CA PRO A 247 -19.35 2.34 -6.26
C PRO A 247 -19.40 3.80 -5.85
N THR A 248 -20.25 4.07 -4.86
CA THR A 248 -20.29 5.35 -4.17
C THR A 248 -20.10 5.10 -2.69
N LEU A 249 -19.68 6.14 -1.98
CA LEU A 249 -19.52 6.06 -0.53
C LEU A 249 -20.88 6.29 0.14
N GLU A 250 -21.38 5.26 0.83
CA GLU A 250 -22.68 5.33 1.49
C GLU A 250 -22.51 5.46 2.98
N GLY A 251 -23.30 6.35 3.57
CA GLY A 251 -23.27 6.63 4.99
C GLY A 251 -23.24 8.10 5.26
N ASN A 252 -23.16 8.43 6.54
CA ASN A 252 -23.21 9.84 6.95
C ASN A 252 -21.81 10.45 6.92
N TYR A 253 -21.26 10.56 5.72
CA TYR A 253 -19.95 11.15 5.47
C TYR A 253 -20.10 12.52 4.82
N SER A 254 -19.11 13.38 4.99
CA SER A 254 -19.23 14.73 4.43
C SER A 254 -19.39 14.66 2.91
N LYS A 255 -20.11 15.63 2.36
CA LYS A 255 -20.21 15.68 0.91
C LYS A 255 -18.85 15.81 0.24
N PRO A 256 -17.88 16.60 0.72
CA PRO A 256 -16.56 16.60 0.06
C PRO A 256 -15.91 15.22 0.03
N LEU A 257 -16.05 14.41 1.07
CA LEU A 257 -15.47 13.07 1.00
C LEU A 257 -16.20 12.20 -0.03
N LYS A 258 -17.54 12.27 -0.05
CA LYS A 258 -18.26 11.53 -1.08
C LYS A 258 -17.85 11.99 -2.48
N GLU A 259 -17.60 13.30 -2.65
CA GLU A 259 -17.21 13.80 -3.97
C GLU A 259 -15.78 13.37 -4.32
N PHE A 260 -14.90 13.31 -3.32
CA PHE A 260 -13.55 12.80 -3.57
C PHE A 260 -13.60 11.39 -4.11
N VAL A 261 -14.42 10.54 -3.48
CA VAL A 261 -14.61 9.17 -3.91
C VAL A 261 -15.18 9.14 -5.32
N GLU A 262 -16.23 9.94 -5.57
CA GLU A 262 -16.86 9.95 -6.89
C GLU A 262 -15.89 10.39 -7.97
N ALA A 263 -15.00 11.34 -7.66
CA ALA A 263 -14.01 11.79 -8.64
C ALA A 263 -13.08 10.64 -9.04
N CYS A 264 -12.60 9.89 -8.05
CA CYS A 264 -11.67 8.79 -8.35
C CYS A 264 -12.38 7.66 -9.08
N LEU A 265 -13.63 7.39 -8.70
CA LEU A 265 -14.37 6.23 -9.20
C LEU A 265 -15.25 6.62 -10.40
N ASN A 266 -14.62 7.15 -11.42
CA ASN A 266 -15.23 7.28 -12.73
C ASN A 266 -14.86 6.09 -13.60
N LYS A 267 -15.85 5.51 -14.29
CA LYS A 267 -15.54 4.36 -15.14
C LYS A 267 -14.55 4.75 -16.22
N GLU A 268 -14.64 5.98 -16.73
CA GLU A 268 -13.75 6.46 -17.79
C GLU A 268 -12.45 6.97 -17.18
N PRO A 269 -11.29 6.37 -17.51
CA PRO A 269 -10.04 6.81 -16.85
C PRO A 269 -9.73 8.27 -17.10
N SER A 270 -10.02 8.81 -18.29
CA SER A 270 -9.67 10.20 -18.56
C SER A 270 -10.54 11.18 -17.78
N PHE A 271 -11.65 10.73 -17.20
CA PHE A 271 -12.43 11.61 -16.35
C PHE A 271 -11.96 11.58 -14.90
N ARG A 272 -11.03 10.71 -14.57
CA ARG A 272 -10.46 10.72 -13.22
C ARG A 272 -9.40 11.81 -13.12
N PRO A 273 -9.35 12.54 -12.01
CA PRO A 273 -8.30 13.55 -11.84
C PRO A 273 -6.94 12.90 -11.67
N THR A 274 -5.90 13.71 -11.83
CA THR A 274 -4.56 13.26 -11.50
C THR A 274 -4.30 13.32 -9.99
N ALA A 275 -3.25 12.62 -9.55
CA ALA A 275 -2.88 12.74 -8.14
C ALA A 275 -2.53 14.19 -7.78
N LYS A 276 -1.84 14.90 -8.66
CA LYS A 276 -1.57 16.33 -8.43
C LYS A 276 -2.84 17.10 -8.19
N GLU A 277 -3.86 16.87 -9.02
CA GLU A 277 -5.10 17.62 -8.87
C GLU A 277 -5.80 17.26 -7.57
N LEU A 278 -5.78 15.98 -7.21
CA LEU A 278 -6.49 15.52 -6.00
C LEU A 278 -5.85 16.05 -4.74
N LEU A 279 -4.54 16.38 -4.78
CA LEU A 279 -3.91 17.00 -3.62
C LEU A 279 -4.50 18.36 -3.30
N LYS A 280 -5.20 18.98 -4.25
CA LYS A 280 -5.86 20.25 -4.06
C LYS A 280 -7.37 20.11 -3.89
N HIS A 281 -7.87 18.88 -3.77
CA HIS A 281 -9.30 18.66 -3.61
C HIS A 281 -9.75 19.22 -2.27
N LYS A 282 -10.95 19.83 -2.26
CA LYS A 282 -11.44 20.46 -1.05
C LYS A 282 -11.52 19.50 0.13
N PHE A 283 -11.81 18.21 -0.10
CA PHE A 283 -11.83 17.30 1.03
C PHE A 283 -10.46 17.23 1.69
N ILE A 284 -9.39 17.14 0.87
CA ILE A 284 -8.05 17.11 1.41
C ILE A 284 -7.70 18.43 2.10
N LEU A 285 -7.91 19.55 1.42
CA LEU A 285 -7.49 20.83 1.97
C LEU A 285 -8.24 21.17 3.26
N ARG A 286 -9.52 20.80 3.36
CA ARG A 286 -10.31 21.17 4.53
C ARG A 286 -10.08 20.26 5.73
N ASN A 287 -9.65 19.03 5.50
CA ASN A 287 -9.62 18.03 6.57
C ASN A 287 -8.26 17.46 6.92
N ALA A 288 -7.30 17.45 6.00
CA ALA A 288 -6.00 16.87 6.33
C ALA A 288 -5.23 17.75 7.30
N LYS A 289 -4.47 17.10 8.18
CA LYS A 289 -3.65 17.77 9.18
C LYS A 289 -2.26 17.14 9.24
N LYS A 290 -1.42 17.56 10.18
CA LYS A 290 -0.09 17.01 10.36
C LYS A 290 -0.11 15.49 10.48
N THR A 291 0.83 14.82 9.80
CA THR A 291 0.91 13.36 9.93
C THR A 291 1.24 12.94 11.35
N SER A 292 1.93 13.79 12.10
CA SER A 292 2.29 13.42 13.47
C SER A 292 1.07 13.14 14.31
N TYR A 293 -0.08 13.73 13.95
CA TYR A 293 -1.32 13.44 14.68
C TYR A 293 -1.72 11.99 14.56
N LEU A 294 -1.22 11.28 13.54
CA LEU A 294 -1.59 9.89 13.35
C LEU A 294 -0.96 8.99 14.40
N THR A 295 -0.01 9.50 15.20
CA THR A 295 0.45 8.68 16.33
C THR A 295 -0.70 8.38 17.27
N GLU A 296 -1.73 9.24 17.31
CA GLU A 296 -2.86 8.95 18.17
C GLU A 296 -3.61 7.72 17.67
N LEU A 297 -3.67 7.57 16.35
CA LEU A 297 -4.27 6.38 15.75
C LEU A 297 -3.45 5.14 16.06
N ILE A 298 -2.12 5.26 15.94
CA ILE A 298 -1.26 4.12 16.24
C ILE A 298 -1.40 3.71 17.71
N ASP A 299 -1.47 4.70 18.60
CA ASP A 299 -1.61 4.41 20.03
C ASP A 299 -2.92 3.68 20.31
N ALA A 300 -3.99 4.05 19.62
CA ALA A 300 -5.27 3.41 19.86
C ALA A 300 -5.23 1.95 19.45
N HIS A 301 -4.43 1.62 18.44
CA HIS A 301 -4.27 0.24 18.02
C HIS A 301 -3.42 -0.53 19.02
N HIS A 302 -2.39 0.11 19.59
CA HIS A 302 -1.60 -0.53 20.61
C HIS A 302 -2.42 -0.78 21.89
N HIS A 303 -3.23 0.20 22.31
CA HIS A 303 -4.02 0.05 23.53
C HIS A 303 -5.18 -0.91 23.32
N HIS A 304 -5.68 -1.02 22.10
CA HIS A 304 -6.71 -1.98 21.75
C HIS A 304 -6.23 -3.42 21.87
N HIS A 305 -4.91 -3.63 21.79
CA HIS A 305 -4.35 -4.97 21.84
C HIS A 305 -3.50 -5.16 23.09
#